data_4B9N
#
_entry.id   4B9N
#
_cell.length_a   88.452
_cell.length_b   93.726
_cell.length_c   105.265
_cell.angle_alpha   90.00
_cell.angle_beta   90.00
_cell.angle_gamma   90.00
#
_symmetry.space_group_name_H-M   'P 21 21 21'
#
loop_
_entity.id
_entity.type
_entity.pdbx_description
1 polymer 'DNA POLYMERASE'
2 polymer "5'-D(*GP*CP*CP*TP*GP*AP*CP*TP*CP*TP*TP*TP*TP)-3'"
3 polymer "5'-D(*CP*AP*AP*(FAX)*AP*GP*AP*GP*TP*CP*AP*GP*GP*CP*TP)-3'"
4 branched beta-D-fructofuranose-(2-1)-alpha-D-glucopyranose
5 non-polymer 'SULFATE ION'
6 non-polymer 'MAGNESIUM ION'
7 water water
#
loop_
_entity_poly.entity_id
_entity_poly.type
_entity_poly.pdbx_seq_one_letter_code
_entity_poly.pdbx_strand_id
1 'polypeptide(L)'
;MASWSHPQFEKGASTSLYKKAGSAAAVLEENLYFQGSFTAKMAFTLADRVTEEMLADKAALVVEVVEENYHDAPIVGIAV
VNEHGRFFLRPETALADPQFVAWLGDETKKKSMFDSKRAAVALKWKGIELCGVSFDLLLAAYLLDPAQGVDDVAAAAKMK
QYEAVRPDEAVYGKGAKRAVPDEPVLAEHLVRKAAAIWALERPFLDELRRNEQDRLLVELEQPLSSILAEMEFAGVKVDT
KRLEQMGEELAEQLRTVEQRIYELAGQEFNINSPKQLGVILFEKLQLPVLKKSKTGYSTSADVLEKLAPYHEIVENILHY
RQLGKLQSTYIEGLLKVVRPDTKKVHTIFNQALTQTGRLSSTEPNLQNIPIRLEEGRKIRQAFVPSESDWLIFAADYSQI
ELRVLAHIAEDDNLMEAFRRDLDIHTKTAMDIFQVSEDEVTPNMRRQAKAVNFGIVYGISDYGLAQNLNISRKEAAEFIE
RYFESFPGVKRYMENIVQEAKQKGYVTTLLHRRRYLPDITSRNFNVRSFAERMAMNTPIQGSAADIIKKAMIDLNARLKE
ERLQARLLLQVHDELILEAPKEEMERLCRLVPEVMEQAVTLRVPLKVDYHYGSTWYDAK
;
A
2 'polydeoxyribonucleotide' (DG)(DC)(DC)(DT)(DG)(DA)(DC)(DT)(DC)(DT)(DT)(DT)(DT) B
3 'polydeoxyribonucleotide' (DC)(DA)(DA)(FAX)(DA)(DG)(DA)(DG)(DT)(DC)(DA)(DG)(DG)(DC)(DT) C
#
loop_
_chem_comp.id
_chem_comp.type
_chem_comp.name
_chem_comp.formula
DA DNA linking 2'-DEOXYADENOSINE-5'-MONOPHOSPHATE 'C10 H14 N5 O6 P'
DC DNA linking 2'-DEOXYCYTIDINE-5'-MONOPHOSPHATE 'C9 H14 N3 O7 P'
DG DNA linking 2'-DEOXYGUANOSINE-5'-MONOPHOSPHATE 'C10 H14 N5 O7 P'
DT DNA linking THYMIDINE-5'-MONOPHOSPHATE 'C10 H15 N2 O8 P'
FAX DNA linking '[(1R,2S,4R)-4-{[6-amino-5-(formylamino)pyrimidin-4-yl]amino}-2-hydroxycyclopentyl]methyl dihydrogen phosphate' 'C11 H18 N5 O6 P'
FRU D-saccharide, beta linking beta-D-fructofuranose 'C6 H12 O6'
GLC D-saccharide, alpha linking alpha-D-glucopyranose 'C6 H12 O6'
MG non-polymer 'MAGNESIUM ION' 'Mg 2'
SO4 non-polymer 'SULFATE ION' 'O4 S -2'
#
# COMPACT_ATOMS: atom_id res chain seq x y z
N THR A 39 18.22 -13.00 32.96
CA THR A 39 17.70 -11.66 33.15
C THR A 39 16.70 -11.65 34.29
N ALA A 40 16.90 -10.79 35.28
CA ALA A 40 15.93 -10.71 36.36
C ALA A 40 14.61 -10.20 35.81
N LYS A 41 13.52 -10.75 36.31
CA LYS A 41 12.21 -10.33 35.87
C LYS A 41 11.99 -8.87 36.21
N MET A 42 11.40 -8.13 35.28
CA MET A 42 10.99 -6.76 35.52
C MET A 42 9.83 -6.79 36.48
N ALA A 43 9.78 -5.86 37.42
CA ALA A 43 8.74 -5.85 38.40
C ALA A 43 7.41 -5.40 37.83
N PHE A 44 6.35 -6.11 38.18
CA PHE A 44 5.01 -5.69 37.80
C PHE A 44 3.99 -6.43 38.66
N THR A 45 2.78 -5.88 38.74
CA THR A 45 1.68 -6.52 39.44
C THR A 45 0.88 -7.37 38.47
N LEU A 46 0.72 -8.65 38.78
CA LEU A 46 -0.17 -9.50 37.99
C LEU A 46 -1.56 -9.40 38.59
N ALA A 47 -2.31 -8.40 38.13
CA ALA A 47 -3.60 -8.06 38.75
C ALA A 47 -4.70 -9.08 38.46
N ASP A 48 -5.57 -9.29 39.44
CA ASP A 48 -6.74 -10.13 39.28
C ASP A 48 -7.95 -9.24 39.01
N ARG A 49 -7.79 -7.96 39.32
CA ARG A 49 -8.88 -6.99 39.30
C ARG A 49 -8.37 -5.64 38.79
N VAL A 50 -9.24 -4.87 38.15
CA VAL A 50 -8.87 -3.52 37.70
C VAL A 50 -8.93 -2.57 38.88
N THR A 51 -7.90 -1.76 39.06
CA THR A 51 -7.93 -0.74 40.11
C THR A 51 -7.79 0.66 39.52
N GLU A 52 -8.18 1.65 40.32
CA GLU A 52 -8.15 3.05 39.91
C GLU A 52 -6.77 3.50 39.42
N GLU A 53 -5.71 3.04 40.10
CA GLU A 53 -4.36 3.49 39.75
C GLU A 53 -3.89 2.99 38.38
N MET A 54 -4.65 2.07 37.78
CA MET A 54 -4.38 1.60 36.43
C MET A 54 -5.02 2.50 35.39
N LEU A 55 -5.83 3.46 35.85
CA LEU A 55 -6.63 4.29 34.96
C LEU A 55 -6.20 5.76 34.97
N ALA A 56 -4.89 5.98 35.10
CA ALA A 56 -4.31 7.32 34.99
C ALA A 56 -4.58 7.93 33.62
N ASP A 57 -4.43 9.25 33.48
CA ASP A 57 -4.74 9.91 32.22
C ASP A 57 -3.56 9.94 31.24
N LYS A 58 -2.54 9.16 31.56
CA LYS A 58 -1.38 8.98 30.68
C LYS A 58 -0.79 7.61 30.97
N ALA A 59 -0.70 6.77 29.94
CA ALA A 59 -0.12 5.44 30.12
C ALA A 59 0.40 4.84 28.82
N ALA A 60 1.38 3.95 28.94
CA ALA A 60 1.70 3.04 27.86
C ALA A 60 0.73 1.87 27.96
N LEU A 61 0.11 1.51 26.85
CA LEU A 61 -0.88 0.44 26.82
C LEU A 61 -0.49 -0.60 25.77
N VAL A 62 -0.65 -1.86 26.14
CA VAL A 62 -0.45 -2.99 25.23
C VAL A 62 -1.70 -3.86 25.27
N VAL A 63 -2.33 -4.02 24.11
CA VAL A 63 -3.48 -4.89 23.94
C VAL A 63 -3.06 -5.92 22.87
N GLU A 64 -2.64 -7.09 23.33
CA GLU A 64 -1.85 -7.99 22.50
C GLU A 64 -2.71 -8.93 21.67
N VAL A 65 -2.57 -8.78 20.36
CA VAL A 65 -3.22 -9.66 19.41
C VAL A 65 -2.09 -10.38 18.69
N VAL A 66 -1.95 -11.67 18.95
CA VAL A 66 -0.80 -12.40 18.42
C VAL A 66 -1.05 -12.91 17.00
N GLU A 67 -2.31 -13.19 16.67
CA GLU A 67 -2.67 -13.58 15.31
C GLU A 67 -2.23 -12.51 14.33
N GLU A 68 -1.62 -12.93 13.24
CA GLU A 68 -1.14 -12.01 12.21
C GLU A 68 -2.31 -11.19 11.66
N ASN A 69 -3.39 -11.88 11.30
CA ASN A 69 -4.61 -11.21 10.89
C ASN A 69 -5.46 -10.94 12.11
N TYR A 70 -5.61 -9.67 12.47
CA TYR A 70 -6.21 -9.30 13.74
C TYR A 70 -7.75 -9.19 13.74
N HIS A 71 -8.38 -9.44 12.60
CA HIS A 71 -9.83 -9.31 12.51
C HIS A 71 -10.52 -10.42 13.29
N ASP A 72 -11.35 -10.01 14.25
CA ASP A 72 -12.12 -10.94 15.08
C ASP A 72 -11.19 -11.95 15.76
N ALA A 73 -9.99 -11.49 16.09
CA ALA A 73 -8.93 -12.33 16.65
C ALA A 73 -8.84 -12.14 18.14
N PRO A 74 -8.29 -13.14 18.85
CA PRO A 74 -8.24 -13.02 20.32
C PRO A 74 -7.25 -11.97 20.80
N ILE A 75 -7.55 -11.36 21.92
CA ILE A 75 -6.64 -10.57 22.69
C ILE A 75 -6.11 -11.46 23.80
N VAL A 76 -4.82 -11.71 23.80
CA VAL A 76 -4.20 -12.66 24.70
C VAL A 76 -3.77 -12.12 26.05
N GLY A 77 -3.65 -10.82 26.18
CA GLY A 77 -3.25 -10.19 27.41
C GLY A 77 -3.17 -8.68 27.29
N ILE A 78 -3.09 -8.02 28.41
CA ILE A 78 -3.02 -6.59 28.47
C ILE A 78 -1.96 -6.14 29.48
N ALA A 79 -1.20 -5.14 29.10
CA ALA A 79 -0.25 -4.53 30.02
C ALA A 79 -0.47 -3.01 30.04
N VAL A 80 -0.40 -2.43 31.22
CA VAL A 80 -0.50 -0.99 31.41
C VAL A 80 0.74 -0.53 32.19
N VAL A 81 1.43 0.50 31.69
CA VAL A 81 2.46 1.15 32.48
C VAL A 81 2.17 2.64 32.61
N ASN A 82 2.16 3.14 33.84
CA ASN A 82 1.94 4.56 34.10
C ASN A 82 2.78 5.04 35.28
N GLU A 83 2.46 6.23 35.79
CA GLU A 83 3.22 6.81 36.90
C GLU A 83 3.07 6.00 38.18
N HIS A 84 2.02 5.19 38.28
CA HIS A 84 1.76 4.41 39.49
C HIS A 84 2.41 3.03 39.47
N GLY A 85 2.78 2.54 38.30
CA GLY A 85 3.46 1.27 38.21
C GLY A 85 3.24 0.49 36.93
N ARG A 86 3.56 -0.79 36.97
CA ARG A 86 3.41 -1.67 35.81
C ARG A 86 2.37 -2.74 36.14
N PHE A 87 1.47 -3.00 35.20
CA PHE A 87 0.34 -3.89 35.45
C PHE A 87 0.09 -4.84 34.30
N PHE A 88 -0.18 -6.11 34.62
CA PHE A 88 -0.68 -7.07 33.63
C PHE A 88 -2.11 -7.44 34.00
N LEU A 89 -3.01 -7.33 33.03
CA LEU A 89 -4.39 -7.72 33.21
C LEU A 89 -4.76 -8.83 32.24
N ARG A 90 -5.54 -9.81 32.72
CA ARG A 90 -6.10 -10.80 31.84
C ARG A 90 -7.26 -10.15 31.11
N PRO A 91 -7.34 -10.34 29.78
CA PRO A 91 -8.34 -9.68 28.95
C PRO A 91 -9.77 -10.02 29.33
N GLU A 92 -10.02 -11.26 29.75
CA GLU A 92 -11.38 -11.63 30.15
C GLU A 92 -11.80 -10.81 31.38
N THR A 93 -10.84 -10.45 32.21
CA THR A 93 -11.11 -9.60 33.36
C THR A 93 -11.25 -8.14 32.92
N ALA A 94 -10.22 -7.63 32.27
CA ALA A 94 -10.15 -6.23 31.87
C ALA A 94 -11.31 -5.81 30.97
N LEU A 95 -11.56 -6.61 29.92
CA LEU A 95 -12.53 -6.20 28.91
C LEU A 95 -13.97 -6.35 29.38
N ALA A 96 -14.15 -6.90 30.58
CA ALA A 96 -15.47 -7.05 31.18
C ALA A 96 -15.67 -6.02 32.28
N ASP A 97 -14.63 -5.24 32.55
CA ASP A 97 -14.70 -4.22 33.59
C ASP A 97 -15.18 -2.90 33.00
N PRO A 98 -16.36 -2.43 33.45
CA PRO A 98 -16.93 -1.16 32.97
C PRO A 98 -15.97 0.03 33.09
N GLN A 99 -15.19 0.09 34.16
CA GLN A 99 -14.25 1.20 34.36
C GLN A 99 -13.12 1.15 33.33
N PHE A 100 -12.55 -0.03 33.13
CA PHE A 100 -11.47 -0.19 32.16
C PHE A 100 -11.95 0.17 30.77
N VAL A 101 -13.09 -0.40 30.38
CA VAL A 101 -13.66 -0.13 29.06
C VAL A 101 -13.93 1.38 28.89
N ALA A 102 -14.47 2.02 29.92
CA ALA A 102 -14.70 3.47 29.89
C ALA A 102 -13.38 4.22 29.70
N TRP A 103 -12.34 3.76 30.40
CA TRP A 103 -11.02 4.36 30.27
C TRP A 103 -10.48 4.19 28.85
N LEU A 104 -10.72 3.02 28.28
CA LEU A 104 -10.29 2.75 26.91
C LEU A 104 -10.91 3.73 25.92
N GLY A 105 -12.18 4.08 26.16
CA GLY A 105 -12.92 4.94 25.25
C GLY A 105 -12.90 6.42 25.58
N ASP A 106 -12.22 6.79 26.67
CA ASP A 106 -12.10 8.19 27.06
C ASP A 106 -10.92 8.84 26.31
N GLU A 107 -11.24 9.75 25.41
CA GLU A 107 -10.27 10.48 24.61
C GLU A 107 -9.27 11.27 25.45
N THR A 108 -9.69 11.67 26.65
CA THR A 108 -8.84 12.53 27.48
C THR A 108 -7.83 11.73 28.29
N LYS A 109 -8.00 10.40 28.30
CA LYS A 109 -7.07 9.50 28.95
C LYS A 109 -6.08 9.02 27.91
N LYS A 110 -4.87 9.61 27.94
CA LYS A 110 -3.93 9.43 26.84
C LYS A 110 -3.13 8.13 26.91
N LYS A 111 -3.05 7.43 25.78
CA LYS A 111 -2.29 6.18 25.70
C LYS A 111 -1.16 6.23 24.68
N SER A 112 -0.07 5.54 24.98
CA SER A 112 1.03 5.35 24.06
C SER A 112 1.11 3.86 23.75
N MET A 113 1.22 3.53 22.47
CA MET A 113 1.09 2.14 22.03
C MET A 113 2.04 1.87 20.90
N PHE A 114 2.09 0.60 20.50
CA PHE A 114 2.76 0.19 19.27
C PHE A 114 1.73 -0.54 18.41
N ASP A 115 1.51 -0.07 17.19
CA ASP A 115 0.49 -0.64 16.29
C ASP A 115 -0.91 -0.57 16.92
N SER A 116 -1.35 0.65 17.22
CA SER A 116 -2.64 0.87 17.85
C SER A 116 -3.81 0.42 16.96
N LYS A 117 -3.61 0.38 15.64
CA LYS A 117 -4.68 -0.02 14.73
C LYS A 117 -5.06 -1.49 14.92
N ARG A 118 -4.05 -2.33 15.14
CA ARG A 118 -4.27 -3.73 15.46
C ARG A 118 -5.15 -3.90 16.70
N ALA A 119 -4.86 -3.13 17.75
CA ALA A 119 -5.64 -3.25 18.97
C ALA A 119 -7.02 -2.67 18.76
N ALA A 120 -7.08 -1.48 18.16
CA ALA A 120 -8.35 -0.81 17.88
C ALA A 120 -9.33 -1.71 17.13
N VAL A 121 -8.85 -2.33 16.05
CA VAL A 121 -9.71 -3.22 15.27
C VAL A 121 -10.13 -4.46 16.06
N ALA A 122 -9.19 -5.09 16.76
CA ALA A 122 -9.52 -6.27 17.53
C ALA A 122 -10.57 -5.94 18.58
N LEU A 123 -10.48 -4.74 19.13
CA LEU A 123 -11.45 -4.27 20.10
C LEU A 123 -12.79 -3.93 19.44
N LYS A 124 -12.75 -3.40 18.22
CA LYS A 124 -13.98 -3.13 17.46
C LYS A 124 -14.83 -4.39 17.32
N TRP A 125 -14.18 -5.50 17.01
CA TRP A 125 -14.88 -6.77 16.85
C TRP A 125 -15.51 -7.24 18.17
N LYS A 126 -15.04 -6.69 19.28
CA LYS A 126 -15.60 -7.01 20.59
C LYS A 126 -16.53 -5.90 21.08
N GLY A 127 -16.80 -4.94 20.21
CA GLY A 127 -17.74 -3.88 20.54
C GLY A 127 -17.20 -2.88 21.54
N ILE A 128 -15.89 -2.65 21.51
CA ILE A 128 -15.23 -1.72 22.42
C ILE A 128 -14.44 -0.69 21.62
N GLU A 129 -14.58 0.58 21.99
CA GLU A 129 -13.90 1.67 21.31
C GLU A 129 -12.59 2.03 22.00
N LEU A 130 -11.53 2.18 21.22
CA LEU A 130 -10.27 2.63 21.76
C LEU A 130 -10.07 4.06 21.35
N CYS A 131 -9.82 4.92 22.33
CA CYS A 131 -9.68 6.34 22.10
C CYS A 131 -8.47 6.89 22.83
N GLY A 132 -8.06 8.09 22.45
CA GLY A 132 -7.01 8.79 23.13
C GLY A 132 -5.59 8.30 22.92
N VAL A 133 -5.34 7.63 21.82
CA VAL A 133 -4.00 7.20 21.51
C VAL A 133 -3.19 8.37 20.97
N SER A 134 -2.31 8.92 21.82
CA SER A 134 -1.62 10.15 21.46
C SER A 134 -0.24 9.92 20.86
N PHE A 135 0.21 8.67 20.92
CA PHE A 135 1.53 8.30 20.38
C PHE A 135 1.56 6.83 19.96
N ASP A 136 1.98 6.59 18.72
CA ASP A 136 2.13 5.23 18.21
C ASP A 136 3.59 5.00 17.78
N LEU A 137 4.31 4.21 18.58
CA LEU A 137 5.74 3.97 18.36
C LEU A 137 6.02 3.32 17.00
N LEU A 138 5.10 2.49 16.53
CA LEU A 138 5.25 1.87 15.19
C LEU A 138 5.31 2.93 14.10
N LEU A 139 4.36 3.86 14.13
CA LEU A 139 4.30 4.93 13.15
C LEU A 139 5.45 5.91 13.33
N ALA A 140 5.84 6.15 14.58
CA ALA A 140 6.98 7.02 14.87
C ALA A 140 8.27 6.48 14.25
N ALA A 141 8.53 5.20 14.46
CA ALA A 141 9.75 4.57 13.97
C ALA A 141 9.74 4.54 12.44
N TYR A 142 8.56 4.29 11.88
CA TYR A 142 8.37 4.27 10.45
C TYR A 142 8.73 5.62 9.80
N LEU A 143 8.25 6.71 10.39
CA LEU A 143 8.57 8.04 9.86
C LEU A 143 10.05 8.38 10.02
N LEU A 144 10.65 7.93 11.12
CA LEU A 144 12.06 8.21 11.40
C LEU A 144 13.00 7.55 10.39
N ASP A 145 12.67 6.33 9.97
CA ASP A 145 13.45 5.63 8.95
C ASP A 145 12.70 4.40 8.49
N PRO A 146 11.96 4.52 7.37
CA PRO A 146 11.16 3.42 6.84
C PRO A 146 12.03 2.23 6.44
N ALA A 147 13.32 2.47 6.20
CA ALA A 147 14.20 1.39 5.75
C ALA A 147 14.54 0.40 6.85
N GLN A 148 14.35 0.78 8.12
CA GLN A 148 14.67 -0.12 9.25
C GLN A 148 13.78 -1.36 9.33
N GLY A 149 12.61 -1.30 8.70
CA GLY A 149 11.69 -2.43 8.76
C GLY A 149 11.21 -2.74 10.17
N VAL A 150 11.00 -1.70 10.98
CA VAL A 150 10.52 -1.88 12.35
C VAL A 150 9.14 -2.54 12.37
N ASP A 151 9.05 -3.71 12.98
CA ASP A 151 7.81 -4.49 12.99
C ASP A 151 7.52 -5.06 14.38
N ASP A 152 8.38 -4.77 15.36
CA ASP A 152 8.02 -5.00 16.75
C ASP A 152 8.65 -3.95 17.64
N VAL A 153 8.23 -3.92 18.90
CA VAL A 153 8.75 -2.95 19.87
C VAL A 153 10.27 -3.03 20.01
N ALA A 154 10.79 -4.26 20.06
CA ALA A 154 12.24 -4.49 20.21
C ALA A 154 13.05 -3.78 19.13
N ALA A 155 12.59 -3.89 17.88
CA ALA A 155 13.32 -3.29 16.76
C ALA A 155 13.30 -1.77 16.86
N ALA A 156 12.16 -1.21 17.26
CA ALA A 156 12.05 0.23 17.52
C ALA A 156 12.95 0.66 18.67
N ALA A 157 12.90 -0.09 19.77
CA ALA A 157 13.72 0.19 20.94
C ALA A 157 15.22 0.18 20.59
N LYS A 158 15.60 -0.71 19.69
CA LYS A 158 17.01 -0.88 19.34
C LYS A 158 17.58 0.38 18.67
N MET A 159 16.71 1.14 18.00
CA MET A 159 17.07 2.40 17.37
C MET A 159 17.55 3.44 18.40
N LYS A 160 17.15 3.28 19.65
CA LYS A 160 17.57 4.18 20.71
C LYS A 160 18.40 3.45 21.76
N GLN A 161 19.02 2.36 21.37
CA GLN A 161 19.93 1.60 22.24
C GLN A 161 19.22 1.07 23.50
N TYR A 162 17.93 0.80 23.38
CA TYR A 162 17.15 0.22 24.48
C TYR A 162 16.95 -1.26 24.13
N GLU A 163 17.42 -2.15 24.99
CA GLU A 163 17.33 -3.57 24.68
C GLU A 163 16.72 -4.45 25.77
N ALA A 164 16.03 -3.83 26.73
CA ALA A 164 15.39 -4.58 27.81
C ALA A 164 13.98 -5.09 27.44
N VAL A 165 13.85 -5.53 26.19
CA VAL A 165 12.62 -6.13 25.70
C VAL A 165 13.00 -7.13 24.58
N ARG A 166 12.32 -8.26 24.55
CA ARG A 166 12.59 -9.30 23.55
C ARG A 166 11.84 -9.05 22.24
N PRO A 167 12.42 -9.50 21.12
CA PRO A 167 11.65 -9.48 19.87
C PRO A 167 10.47 -10.45 20.02
N ASP A 168 9.31 -10.11 19.45
CA ASP A 168 8.13 -10.96 19.55
C ASP A 168 8.42 -12.37 19.06
N GLU A 169 9.20 -12.47 18.00
CA GLU A 169 9.54 -13.76 17.40
C GLU A 169 10.25 -14.69 18.37
N ALA A 170 11.06 -14.14 19.28
CA ALA A 170 11.73 -14.96 20.27
C ALA A 170 10.73 -15.48 21.33
N VAL A 171 9.70 -14.69 21.60
CA VAL A 171 8.72 -15.05 22.62
C VAL A 171 7.67 -16.01 22.05
N TYR A 172 7.16 -15.70 20.86
CA TYR A 172 6.07 -16.47 20.29
C TYR A 172 6.54 -17.57 19.34
N GLY A 173 7.81 -17.55 18.98
CA GLY A 173 8.31 -18.49 17.99
C GLY A 173 7.88 -18.06 16.61
N LYS A 174 8.13 -18.90 15.61
CA LYS A 174 7.75 -18.56 14.24
C LYS A 174 7.30 -19.77 13.44
N GLY A 175 6.39 -19.54 12.49
CA GLY A 175 5.89 -20.60 11.64
C GLY A 175 4.97 -21.55 12.38
N ALA A 176 5.23 -22.84 12.23
CA ALA A 176 4.41 -23.88 12.84
C ALA A 176 4.60 -23.91 14.35
N LYS A 177 5.79 -23.49 14.79
CA LYS A 177 6.14 -23.50 16.21
C LYS A 177 5.51 -22.32 16.94
N ARG A 178 4.88 -21.42 16.19
CA ARG A 178 4.34 -20.17 16.75
C ARG A 178 3.25 -20.47 17.76
N ALA A 179 3.39 -19.92 18.96
CA ALA A 179 2.44 -20.17 20.04
C ALA A 179 2.53 -19.14 21.15
N VAL A 180 1.42 -18.95 21.86
CA VAL A 180 1.40 -18.10 23.04
C VAL A 180 2.00 -18.89 24.20
N PRO A 181 2.99 -18.30 24.88
CA PRO A 181 3.64 -19.00 26.00
C PRO A 181 2.78 -18.93 27.25
N ASP A 182 3.24 -19.60 28.32
CA ASP A 182 2.53 -19.60 29.59
C ASP A 182 2.43 -18.18 30.16
N GLU A 183 1.41 -17.97 30.98
CA GLU A 183 1.13 -16.65 31.56
C GLU A 183 2.32 -15.87 32.17
N PRO A 184 3.21 -16.56 32.93
CA PRO A 184 4.34 -15.78 33.47
C PRO A 184 5.24 -15.21 32.37
N VAL A 185 5.53 -16.01 31.35
CA VAL A 185 6.33 -15.55 30.24
C VAL A 185 5.60 -14.48 29.42
N LEU A 186 4.32 -14.70 29.19
CA LEU A 186 3.51 -13.75 28.42
C LEU A 186 3.44 -12.38 29.10
N ALA A 187 3.10 -12.39 30.38
CA ALA A 187 2.91 -11.18 31.15
C ALA A 187 4.17 -10.34 31.24
N GLU A 188 5.30 -10.99 31.45
CA GLU A 188 6.55 -10.27 31.52
C GLU A 188 6.86 -9.60 30.19
N HIS A 189 6.64 -10.30 29.09
CA HIS A 189 6.85 -9.75 27.79
C HIS A 189 5.99 -8.57 27.49
N LEU A 190 4.70 -8.66 27.79
CA LEU A 190 3.81 -7.54 27.55
C LEU A 190 4.18 -6.31 28.40
N VAL A 191 4.58 -6.57 29.65
CA VAL A 191 5.00 -5.48 30.53
C VAL A 191 6.30 -4.82 30.05
N ARG A 192 7.23 -5.62 29.56
CA ARG A 192 8.48 -5.06 29.00
C ARG A 192 8.22 -4.23 27.74
N LYS A 193 7.29 -4.69 26.92
CA LYS A 193 6.89 -3.90 25.74
C LYS A 193 6.28 -2.55 26.16
N ALA A 194 5.36 -2.59 27.12
CA ALA A 194 4.76 -1.37 27.65
C ALA A 194 5.81 -0.46 28.28
N ALA A 195 6.70 -1.02 29.08
CA ALA A 195 7.75 -0.22 29.72
C ALA A 195 8.65 0.42 28.66
N ALA A 196 8.91 -0.31 27.58
CA ALA A 196 9.72 0.23 26.48
C ALA A 196 9.02 1.42 25.84
N ILE A 197 7.74 1.25 25.52
CA ILE A 197 6.96 2.34 24.93
C ILE A 197 6.98 3.59 25.80
N TRP A 198 6.79 3.40 27.09
CA TRP A 198 6.82 4.47 28.09
C TRP A 198 8.15 5.22 28.07
N ALA A 199 9.26 4.48 27.99
CA ALA A 199 10.59 5.10 28.01
C ALA A 199 10.94 5.75 26.68
N LEU A 200 10.43 5.18 25.58
CA LEU A 200 10.84 5.61 24.24
C LEU A 200 10.04 6.77 23.64
N GLU A 201 8.88 7.07 24.21
CA GLU A 201 8.04 8.13 23.68
C GLU A 201 8.81 9.44 23.51
N ARG A 202 9.46 9.89 24.58
CA ARG A 202 10.19 11.15 24.56
C ARG A 202 11.34 11.24 23.53
N PRO A 203 12.26 10.25 23.51
CA PRO A 203 13.33 10.26 22.50
C PRO A 203 12.79 10.27 21.06
N PHE A 204 11.80 9.44 20.79
CA PHE A 204 11.19 9.39 19.46
C PHE A 204 10.54 10.73 19.08
N LEU A 205 9.73 11.28 19.98
CA LEU A 205 9.10 12.58 19.72
C LEU A 205 10.15 13.69 19.51
N ASP A 206 11.21 13.66 20.31
CA ASP A 206 12.29 14.63 20.15
C ASP A 206 12.95 14.59 18.78
N GLU A 207 13.30 13.39 18.30
CA GLU A 207 13.91 13.27 16.98
C GLU A 207 12.92 13.64 15.87
N LEU A 208 11.67 13.23 16.00
CA LEU A 208 10.62 13.69 15.08
C LEU A 208 10.57 15.22 14.99
N ARG A 209 10.64 15.88 16.14
CA ARG A 209 10.62 17.34 16.15
C ARG A 209 11.81 17.92 15.39
N ARG A 210 13.02 17.41 15.68
CA ARG A 210 14.23 17.84 14.97
C ARG A 210 14.12 17.63 13.47
N ASN A 211 13.43 16.56 13.09
CA ASN A 211 13.21 16.26 11.68
C ASN A 211 12.04 17.05 11.08
N GLU A 212 11.40 17.89 11.87
CA GLU A 212 10.14 18.55 11.47
C GLU A 212 9.10 17.53 11.00
N GLN A 213 8.99 16.44 11.75
CA GLN A 213 8.05 15.35 11.43
C GLN A 213 7.04 15.11 12.55
N ASP A 214 7.05 15.96 13.56
CA ASP A 214 6.15 15.81 14.69
C ASP A 214 4.68 15.94 14.27
N ARG A 215 4.38 16.96 13.48
CA ARG A 215 3.03 17.13 12.93
C ARG A 215 2.66 16.02 11.94
N LEU A 216 3.64 15.55 11.16
CA LEU A 216 3.39 14.44 10.25
C LEU A 216 2.82 13.22 11.01
N LEU A 217 3.40 12.92 12.16
CA LEU A 217 2.92 11.84 13.01
C LEU A 217 1.57 12.17 13.64
N VAL A 218 1.53 13.28 14.37
CA VAL A 218 0.38 13.61 15.22
C VAL A 218 -0.88 14.03 14.44
N GLU A 219 -0.70 14.72 13.33
CA GLU A 219 -1.82 15.27 12.54
C GLU A 219 -2.12 14.52 11.24
N LEU A 220 -1.23 13.61 10.82
CA LEU A 220 -1.46 12.85 9.59
C LEU A 220 -1.51 11.34 9.81
N GLU A 221 -0.36 10.72 10.09
CA GLU A 221 -0.32 9.27 10.23
C GLU A 221 -1.22 8.71 11.33
N GLN A 222 -1.23 9.36 12.49
CA GLN A 222 -2.06 8.86 13.59
C GLN A 222 -3.57 9.03 13.36
N PRO A 223 -4.02 10.22 12.90
CA PRO A 223 -5.45 10.28 12.57
C PRO A 223 -5.82 9.34 11.42
N LEU A 224 -4.90 9.16 10.46
CA LEU A 224 -5.17 8.25 9.35
C LEU A 224 -5.38 6.83 9.87
N SER A 225 -4.61 6.48 10.91
CA SER A 225 -4.63 5.13 11.46
C SER A 225 -6.04 4.77 11.98
N SER A 226 -6.68 5.71 12.67
CA SER A 226 -8.07 5.54 13.10
C SER A 226 -8.99 5.35 11.90
N ILE A 227 -8.76 6.15 10.86
CA ILE A 227 -9.59 6.09 9.66
C ILE A 227 -9.44 4.74 8.95
N LEU A 228 -8.20 4.25 8.85
CA LEU A 228 -7.97 2.93 8.26
C LEU A 228 -8.62 1.81 9.06
N ALA A 229 -8.58 1.93 10.38
CA ALA A 229 -9.18 0.91 11.26
C ALA A 229 -10.69 0.78 10.98
N GLU A 230 -11.36 1.92 10.79
CA GLU A 230 -12.78 1.95 10.46
C GLU A 230 -13.04 1.29 9.09
N MET A 231 -12.18 1.60 8.13
CA MET A 231 -12.30 1.03 6.79
C MET A 231 -12.14 -0.48 6.82
N GLU A 232 -11.13 -0.95 7.55
CA GLU A 232 -10.87 -2.38 7.64
C GLU A 232 -12.03 -3.09 8.31
N PHE A 233 -12.51 -2.51 9.40
CA PHE A 233 -13.61 -3.07 10.16
C PHE A 233 -14.91 -3.11 9.34
N ALA A 234 -15.20 -2.04 8.60
CA ALA A 234 -16.39 -1.99 7.77
C ALA A 234 -16.35 -3.07 6.68
N GLY A 235 -15.19 -3.21 6.05
CA GLY A 235 -15.02 -4.24 5.04
C GLY A 235 -15.74 -3.89 3.75
N VAL A 236 -15.58 -4.75 2.75
CA VAL A 236 -16.27 -4.58 1.48
C VAL A 236 -17.07 -5.85 1.21
N LYS A 237 -18.34 -5.68 0.85
CA LYS A 237 -19.22 -6.79 0.57
C LYS A 237 -18.81 -7.47 -0.72
N VAL A 238 -18.87 -8.79 -0.75
CA VAL A 238 -18.53 -9.53 -1.97
C VAL A 238 -19.70 -10.40 -2.42
N ASP A 239 -20.01 -10.34 -3.72
CA ASP A 239 -21.02 -11.20 -4.33
C ASP A 239 -20.35 -12.53 -4.61
N THR A 240 -20.33 -13.43 -3.63
CA THR A 240 -19.58 -14.67 -3.76
C THR A 240 -20.17 -15.56 -4.82
N LYS A 241 -21.49 -15.45 -5.00
CA LYS A 241 -22.20 -16.25 -5.98
C LYS A 241 -21.69 -15.94 -7.38
N ARG A 242 -21.47 -14.66 -7.67
CA ARG A 242 -20.96 -14.27 -8.97
C ARG A 242 -19.53 -14.74 -9.15
N LEU A 243 -18.71 -14.58 -8.11
CA LEU A 243 -17.34 -15.07 -8.13
C LEU A 243 -17.32 -16.57 -8.40
N GLU A 244 -18.20 -17.31 -7.74
CA GLU A 244 -18.24 -18.75 -7.92
C GLU A 244 -18.57 -19.16 -9.36
N GLN A 245 -19.53 -18.49 -9.98
CA GLN A 245 -19.92 -18.86 -11.34
C GLN A 245 -18.85 -18.42 -12.35
N MET A 246 -18.15 -17.35 -12.05
CA MET A 246 -16.96 -16.96 -12.82
C MET A 246 -15.93 -18.07 -12.77
N GLY A 247 -15.69 -18.58 -11.56
CA GLY A 247 -14.73 -19.66 -11.36
C GLY A 247 -15.12 -20.91 -12.15
N GLU A 248 -16.42 -21.18 -12.21
CA GLU A 248 -16.93 -22.32 -12.96
C GLU A 248 -16.66 -22.14 -14.45
N GLU A 249 -16.86 -20.93 -14.96
CA GLU A 249 -16.60 -20.62 -16.35
C GLU A 249 -15.10 -20.71 -16.65
N LEU A 250 -14.27 -20.19 -15.75
CA LEU A 250 -12.83 -20.27 -15.91
C LEU A 250 -12.36 -21.72 -15.95
N ALA A 251 -12.90 -22.53 -15.04
CA ALA A 251 -12.51 -23.93 -14.94
C ALA A 251 -12.75 -24.65 -16.26
N GLU A 252 -13.84 -24.29 -16.93
CA GLU A 252 -14.17 -24.86 -18.22
C GLU A 252 -13.13 -24.45 -19.25
N GLN A 253 -12.89 -23.14 -19.35
CA GLN A 253 -11.91 -22.60 -20.30
C GLN A 253 -10.48 -23.08 -20.02
N LEU A 254 -10.15 -23.26 -18.75
CA LEU A 254 -8.84 -23.76 -18.38
C LEU A 254 -8.64 -25.20 -18.84
N ARG A 255 -9.67 -26.03 -18.67
CA ARG A 255 -9.58 -27.44 -19.08
C ARG A 255 -9.45 -27.54 -20.59
N THR A 256 -10.13 -26.65 -21.31
CA THR A 256 -10.07 -26.62 -22.76
C THR A 256 -8.68 -26.26 -23.28
N VAL A 257 -8.13 -25.15 -22.80
CA VAL A 257 -6.81 -24.70 -23.23
C VAL A 257 -5.71 -25.68 -22.80
N GLU A 258 -5.82 -26.19 -21.58
CA GLU A 258 -4.86 -27.15 -21.03
C GLU A 258 -4.74 -28.40 -21.91
N GLN A 259 -5.88 -28.91 -22.37
CA GLN A 259 -5.89 -30.08 -23.24
C GLN A 259 -5.30 -29.76 -24.61
N ARG A 260 -5.56 -28.56 -25.10
CA ARG A 260 -5.01 -28.10 -26.36
C ARG A 260 -3.49 -28.01 -26.26
N ILE A 261 -3.00 -27.51 -25.13
CA ILE A 261 -1.57 -27.43 -24.86
C ILE A 261 -0.91 -28.80 -24.92
N TYR A 262 -1.56 -29.81 -24.32
CA TYR A 262 -1.04 -31.17 -24.32
C TYR A 262 -0.97 -31.75 -25.73
N GLU A 263 -1.96 -31.43 -26.55
CA GLU A 263 -1.96 -31.84 -27.95
C GLU A 263 -0.74 -31.29 -28.67
N LEU A 264 -0.55 -29.98 -28.54
CA LEU A 264 0.53 -29.29 -29.26
C LEU A 264 1.92 -29.66 -28.75
N ALA A 265 1.99 -30.18 -27.53
CA ALA A 265 3.26 -30.61 -26.98
C ALA A 265 3.50 -32.09 -27.25
N GLY A 266 2.41 -32.81 -27.52
CA GLY A 266 2.48 -34.24 -27.78
C GLY A 266 2.56 -35.05 -26.50
N GLN A 267 2.31 -34.41 -25.36
CA GLN A 267 2.36 -35.08 -24.07
C GLN A 267 1.79 -34.19 -22.95
N GLU A 268 1.57 -34.79 -21.79
CA GLU A 268 1.17 -34.03 -20.61
C GLU A 268 2.39 -33.57 -19.83
N PHE A 269 2.30 -32.39 -19.24
CA PHE A 269 3.34 -31.86 -18.37
C PHE A 269 2.72 -30.85 -17.41
N ASN A 270 3.48 -30.38 -16.44
CA ASN A 270 2.99 -29.33 -15.55
C ASN A 270 3.26 -27.96 -16.17
N ILE A 271 2.19 -27.32 -16.64
CA ILE A 271 2.30 -26.04 -17.33
C ILE A 271 2.73 -24.93 -16.36
N ASN A 272 2.34 -25.08 -15.10
CA ASN A 272 2.66 -24.09 -14.06
C ASN A 272 4.06 -24.25 -13.49
N SER A 273 4.82 -25.19 -14.05
CA SER A 273 6.20 -25.40 -13.66
C SER A 273 7.13 -24.88 -14.74
N PRO A 274 7.66 -23.66 -14.55
CA PRO A 274 8.52 -22.99 -15.54
C PRO A 274 9.67 -23.87 -16.01
N LYS A 275 10.13 -24.77 -15.15
CA LYS A 275 11.17 -25.72 -15.52
C LYS A 275 10.67 -26.72 -16.57
N GLN A 276 9.49 -27.30 -16.35
CA GLN A 276 8.96 -28.30 -17.26
C GLN A 276 8.55 -27.69 -18.59
N LEU A 277 7.90 -26.56 -18.53
CA LEU A 277 7.52 -25.83 -19.69
C LEU A 277 8.74 -25.43 -20.52
N GLY A 278 9.83 -25.07 -19.85
CA GLY A 278 11.07 -24.70 -20.51
C GLY A 278 11.68 -25.85 -21.30
N VAL A 279 11.45 -27.07 -20.84
CA VAL A 279 11.95 -28.24 -21.55
C VAL A 279 11.09 -28.50 -22.80
N ILE A 280 9.78 -28.30 -22.66
CA ILE A 280 8.87 -28.47 -23.77
C ILE A 280 9.20 -27.46 -24.87
N LEU A 281 9.32 -26.20 -24.47
CA LEU A 281 9.52 -25.12 -25.42
C LEU A 281 10.92 -25.14 -26.05
N PHE A 282 11.95 -25.20 -25.21
CA PHE A 282 13.31 -24.97 -25.67
C PHE A 282 14.11 -26.22 -25.98
N GLU A 283 13.60 -27.38 -25.57
CA GLU A 283 14.26 -28.65 -25.90
C GLU A 283 13.41 -29.49 -26.85
N LYS A 284 12.19 -29.82 -26.45
CA LYS A 284 11.33 -30.65 -27.30
C LYS A 284 10.91 -29.92 -28.60
N LEU A 285 10.56 -28.64 -28.49
CA LEU A 285 10.07 -27.91 -29.65
C LEU A 285 11.16 -27.03 -30.26
N GLN A 286 12.29 -26.95 -29.58
CA GLN A 286 13.48 -26.29 -30.11
C GLN A 286 13.26 -24.81 -30.40
N LEU A 287 12.40 -24.17 -29.60
CA LEU A 287 12.16 -22.73 -29.76
C LEU A 287 13.41 -21.98 -29.33
N PRO A 288 13.65 -20.80 -29.91
CA PRO A 288 14.88 -20.05 -29.59
C PRO A 288 14.91 -19.57 -28.13
N VAL A 289 16.12 -19.41 -27.59
CA VAL A 289 16.30 -18.93 -26.22
C VAL A 289 16.81 -17.48 -26.25
N LEU A 290 15.89 -16.54 -26.02
CA LEU A 290 16.19 -15.12 -26.12
C LEU A 290 16.56 -14.53 -24.77
N LYS A 291 16.15 -15.21 -23.71
CA LYS A 291 16.33 -14.72 -22.35
C LYS A 291 16.41 -15.92 -21.42
N LYS A 292 17.40 -15.91 -20.53
CA LYS A 292 17.53 -16.97 -19.54
C LYS A 292 17.49 -16.40 -18.12
N SER A 293 17.40 -17.29 -17.14
CA SER A 293 17.33 -16.89 -15.74
C SER A 293 18.56 -17.38 -15.00
N LYS A 294 18.53 -17.28 -13.68
CA LYS A 294 19.60 -17.84 -12.86
C LYS A 294 19.46 -19.37 -12.86
N THR A 295 18.21 -19.83 -12.90
CA THR A 295 17.90 -21.24 -12.77
C THR A 295 17.84 -21.97 -14.11
N GLY A 296 17.46 -21.26 -15.16
CA GLY A 296 17.38 -21.86 -16.48
C GLY A 296 16.81 -20.97 -17.56
N TYR A 297 15.80 -21.46 -18.26
CA TYR A 297 15.20 -20.72 -19.35
C TYR A 297 14.10 -19.79 -18.84
N SER A 298 14.07 -18.57 -19.36
CA SER A 298 13.01 -17.63 -19.03
C SER A 298 11.74 -17.98 -19.81
N THR A 299 10.61 -18.03 -19.11
CA THR A 299 9.33 -18.24 -19.77
C THR A 299 8.37 -17.10 -19.41
N SER A 300 8.94 -15.94 -19.13
CA SER A 300 8.18 -14.72 -18.92
C SER A 300 7.23 -14.44 -20.10
N ALA A 301 6.15 -13.71 -19.84
CA ALA A 301 5.16 -13.44 -20.87
C ALA A 301 5.75 -12.64 -22.03
N ASP A 302 6.72 -11.79 -21.73
CA ASP A 302 7.32 -10.95 -22.77
C ASP A 302 8.24 -11.75 -23.68
N VAL A 303 8.83 -12.81 -23.13
CA VAL A 303 9.62 -13.76 -23.91
C VAL A 303 8.70 -14.58 -24.80
N LEU A 304 7.60 -15.07 -24.22
CA LEU A 304 6.64 -15.90 -24.95
C LEU A 304 6.00 -15.17 -26.12
N GLU A 305 5.66 -13.91 -25.91
CA GLU A 305 5.09 -13.09 -26.98
C GLU A 305 5.97 -13.08 -28.22
N LYS A 306 7.30 -13.01 -28.02
CA LYS A 306 8.24 -12.99 -29.14
C LYS A 306 8.38 -14.36 -29.79
N LEU A 307 8.00 -15.40 -29.04
CA LEU A 307 8.13 -16.77 -29.51
C LEU A 307 6.90 -17.28 -30.27
N ALA A 308 5.78 -16.58 -30.11
CA ALA A 308 4.51 -16.99 -30.71
C ALA A 308 4.52 -17.38 -32.21
N PRO A 309 5.24 -16.64 -33.07
CA PRO A 309 5.19 -17.01 -34.49
C PRO A 309 5.79 -18.39 -34.80
N TYR A 310 6.60 -18.92 -33.88
CA TYR A 310 7.29 -20.19 -34.10
C TYR A 310 6.44 -21.43 -33.89
N HIS A 311 5.48 -21.35 -32.97
CA HIS A 311 4.66 -22.50 -32.63
C HIS A 311 3.32 -22.12 -32.01
N GLU A 312 2.28 -22.89 -32.36
CA GLU A 312 0.92 -22.61 -31.93
C GLU A 312 0.76 -22.77 -30.42
N ILE A 313 1.67 -23.50 -29.80
CA ILE A 313 1.58 -23.75 -28.37
C ILE A 313 1.72 -22.47 -27.54
N VAL A 314 2.45 -21.50 -28.06
CA VAL A 314 2.83 -20.35 -27.25
C VAL A 314 1.64 -19.48 -26.83
N GLU A 315 0.79 -19.12 -27.78
CA GLU A 315 -0.36 -18.31 -27.45
C GLU A 315 -1.32 -19.03 -26.51
N ASN A 316 -1.42 -20.34 -26.65
CA ASN A 316 -2.21 -21.15 -25.73
C ASN A 316 -1.65 -21.12 -24.31
N ILE A 317 -0.33 -21.10 -24.18
CA ILE A 317 0.32 -20.98 -22.88
C ILE A 317 0.05 -19.62 -22.25
N LEU A 318 0.17 -18.57 -23.06
CA LEU A 318 -0.16 -17.21 -22.65
C LEU A 318 -1.59 -17.12 -22.17
N HIS A 319 -2.49 -17.75 -22.91
CA HIS A 319 -3.91 -17.74 -22.59
C HIS A 319 -4.12 -18.50 -21.28
N TYR A 320 -3.43 -19.64 -21.15
CA TYR A 320 -3.55 -20.46 -19.95
C TYR A 320 -3.12 -19.70 -18.71
N ARG A 321 -2.01 -18.96 -18.81
CA ARG A 321 -1.48 -18.25 -17.66
C ARG A 321 -2.35 -17.08 -17.24
N GLN A 322 -2.99 -16.44 -18.22
CA GLN A 322 -3.92 -15.36 -17.94
C GLN A 322 -5.12 -15.89 -17.16
N LEU A 323 -5.77 -16.91 -17.71
CA LEU A 323 -6.90 -17.55 -17.05
C LEU A 323 -6.51 -18.13 -15.69
N GLY A 324 -5.33 -18.72 -15.61
CA GLY A 324 -4.89 -19.34 -14.40
C GLY A 324 -4.58 -18.34 -13.32
N LYS A 325 -4.16 -17.17 -13.71
CA LYS A 325 -3.91 -16.12 -12.77
C LYS A 325 -5.23 -15.62 -12.19
N LEU A 326 -6.25 -15.52 -13.01
CA LEU A 326 -7.52 -15.09 -12.54
C LEU A 326 -8.14 -16.12 -11.63
N GLN A 327 -8.02 -17.38 -11.99
CA GLN A 327 -8.64 -18.45 -11.23
C GLN A 327 -8.02 -18.60 -9.84
N SER A 328 -6.70 -18.70 -9.79
CA SER A 328 -6.04 -19.00 -8.52
C SER A 328 -5.93 -17.78 -7.61
N THR A 329 -5.50 -16.67 -8.18
CA THR A 329 -5.26 -15.46 -7.39
C THR A 329 -6.53 -14.69 -7.08
N TYR A 330 -7.42 -14.57 -8.06
CA TYR A 330 -8.54 -13.66 -7.90
C TYR A 330 -9.92 -14.29 -7.64
N ILE A 331 -10.16 -15.51 -8.11
CA ILE A 331 -11.41 -16.17 -7.75
C ILE A 331 -11.21 -16.98 -6.48
N GLU A 332 -10.33 -17.97 -6.55
CA GLU A 332 -10.03 -18.82 -5.42
C GLU A 332 -9.38 -18.06 -4.27
N GLY A 333 -8.46 -17.16 -4.58
CA GLY A 333 -7.83 -16.38 -3.55
C GLY A 333 -8.77 -15.45 -2.81
N LEU A 334 -9.64 -14.77 -3.53
CA LEU A 334 -10.63 -13.89 -2.92
C LEU A 334 -11.61 -14.64 -2.06
N LEU A 335 -12.09 -15.76 -2.58
CA LEU A 335 -13.11 -16.54 -1.93
C LEU A 335 -12.57 -17.06 -0.62
N LYS A 336 -11.29 -17.41 -0.60
CA LYS A 336 -10.64 -17.90 0.61
C LYS A 336 -10.72 -16.93 1.78
N VAL A 337 -10.70 -15.63 1.49
CA VAL A 337 -10.64 -14.64 2.55
C VAL A 337 -11.94 -13.87 2.78
N VAL A 338 -13.01 -14.24 2.08
CA VAL A 338 -14.30 -13.65 2.36
C VAL A 338 -14.81 -14.24 3.66
N ARG A 339 -15.27 -13.40 4.57
CA ARG A 339 -15.82 -13.91 5.82
C ARG A 339 -17.23 -14.41 5.57
N PRO A 340 -17.46 -15.66 5.91
CA PRO A 340 -18.74 -16.31 5.74
C PRO A 340 -19.83 -15.65 6.57
N ASP A 341 -19.51 -15.19 7.77
CA ASP A 341 -20.51 -14.53 8.59
C ASP A 341 -21.02 -13.27 7.92
N THR A 342 -20.10 -12.45 7.39
CA THR A 342 -20.46 -11.17 6.80
C THR A 342 -20.54 -11.15 5.28
N LYS A 343 -20.02 -12.17 4.62
CA LYS A 343 -19.80 -12.09 3.17
C LYS A 343 -19.00 -10.85 2.76
N LYS A 344 -18.13 -10.40 3.65
CA LYS A 344 -17.26 -9.27 3.36
C LYS A 344 -15.79 -9.69 3.41
N VAL A 345 -14.96 -8.97 2.68
CA VAL A 345 -13.52 -9.05 2.86
C VAL A 345 -13.09 -7.88 3.74
N HIS A 346 -12.22 -8.16 4.71
CA HIS A 346 -11.73 -7.13 5.61
C HIS A 346 -10.23 -7.10 5.46
N THR A 347 -9.76 -6.24 4.57
CA THR A 347 -8.34 -6.14 4.29
C THR A 347 -7.62 -5.60 5.52
N ILE A 348 -6.30 -5.73 5.50
CA ILE A 348 -5.46 -5.04 6.47
C ILE A 348 -4.52 -4.12 5.69
N PHE A 349 -4.60 -2.82 5.96
CA PHE A 349 -3.67 -1.88 5.38
C PHE A 349 -2.41 -1.82 6.22
N ASN A 350 -1.26 -2.10 5.61
CA ASN A 350 0.00 -1.91 6.30
C ASN A 350 0.45 -0.48 6.08
N GLN A 351 0.38 0.30 7.15
CA GLN A 351 0.66 1.73 7.08
C GLN A 351 2.14 2.00 7.34
N ALA A 352 2.88 0.95 7.71
CA ALA A 352 4.26 1.15 8.13
C ALA A 352 5.23 0.26 7.38
N LEU A 353 5.09 0.20 6.06
CA LEU A 353 5.91 -0.74 5.28
C LEU A 353 6.71 -0.10 4.15
N THR A 354 6.03 0.63 3.27
CA THR A 354 6.69 1.12 2.06
C THR A 354 7.70 2.22 2.33
N GLN A 355 8.70 2.30 1.44
CA GLN A 355 9.75 3.31 1.51
C GLN A 355 9.25 4.68 1.06
N THR A 356 8.14 4.70 0.32
CA THR A 356 7.64 5.94 -0.26
C THR A 356 6.53 6.58 0.55
N GLY A 357 5.90 5.81 1.42
CA GLY A 357 4.80 6.33 2.22
C GLY A 357 3.44 5.93 1.68
N ARG A 358 3.45 5.06 0.67
CA ARG A 358 2.20 4.43 0.21
C ARG A 358 1.74 3.40 1.24
N LEU A 359 0.46 3.08 1.20
CA LEU A 359 -0.08 1.96 1.95
C LEU A 359 0.12 0.71 1.13
N SER A 360 0.17 -0.45 1.77
CA SER A 360 -0.03 -1.70 1.06
C SER A 360 -1.24 -2.35 1.72
N SER A 361 -1.81 -3.38 1.09
CA SER A 361 -2.93 -4.06 1.70
C SER A 361 -2.83 -5.56 1.48
N THR A 362 -3.36 -6.32 2.44
CA THR A 362 -3.22 -7.77 2.46
C THR A 362 -4.52 -8.46 2.86
N GLU A 363 -4.66 -9.71 2.43
CA GLU A 363 -5.75 -10.60 2.86
C GLU A 363 -7.17 -10.01 2.86
N PRO A 364 -7.66 -9.60 1.68
CA PRO A 364 -6.95 -9.71 0.41
C PRO A 364 -6.19 -8.42 0.11
N ASN A 365 -5.27 -8.49 -0.86
CA ASN A 365 -4.68 -7.29 -1.43
C ASN A 365 -5.71 -6.69 -2.38
N LEU A 366 -6.21 -5.52 -2.06
CA LEU A 366 -7.25 -4.91 -2.87
C LEU A 366 -6.67 -3.80 -3.76
N GLN A 367 -5.36 -3.80 -3.89
CA GLN A 367 -4.69 -2.75 -4.66
C GLN A 367 -4.12 -3.27 -5.97
N ASN A 368 -4.36 -4.54 -6.26
CA ASN A 368 -4.01 -5.09 -7.57
C ASN A 368 -5.13 -5.92 -8.22
N ILE A 369 -6.38 -5.53 -7.99
CA ILE A 369 -7.51 -6.17 -8.64
C ILE A 369 -7.52 -5.76 -10.12
N PRO A 370 -7.67 -6.71 -11.00
CA PRO A 370 -7.51 -6.46 -12.43
C PRO A 370 -8.45 -5.40 -12.99
N ILE A 371 -7.91 -4.57 -13.86
CA ILE A 371 -8.66 -3.55 -14.54
C ILE A 371 -8.30 -3.42 -16.03
N ARG A 372 -7.05 -3.70 -16.34
CA ARG A 372 -6.50 -3.51 -17.66
C ARG A 372 -7.22 -4.28 -18.75
N LEU A 373 -7.29 -5.59 -18.59
CA LEU A 373 -7.97 -6.44 -19.58
C LEU A 373 -9.40 -6.75 -19.12
N GLU A 374 -10.34 -6.67 -20.07
CA GLU A 374 -11.76 -6.80 -19.76
C GLU A 374 -12.13 -8.07 -18.99
N GLU A 375 -11.51 -9.20 -19.36
CA GLU A 375 -11.82 -10.48 -18.72
C GLU A 375 -11.46 -10.48 -17.22
N GLY A 376 -10.33 -9.86 -16.90
CA GLY A 376 -9.93 -9.59 -15.54
C GLY A 376 -10.76 -8.57 -14.79
N ARG A 377 -11.11 -7.52 -15.49
CA ARG A 377 -11.79 -6.36 -14.95
C ARG A 377 -13.14 -6.75 -14.39
N LYS A 378 -13.72 -7.77 -14.97
CA LYS A 378 -15.03 -8.25 -14.61
C LYS A 378 -15.07 -8.73 -13.17
N ILE A 379 -13.91 -9.05 -12.62
CA ILE A 379 -13.81 -9.47 -11.22
C ILE A 379 -14.40 -8.40 -10.30
N ARG A 380 -14.30 -7.14 -10.72
CA ARG A 380 -14.73 -6.02 -9.91
C ARG A 380 -16.25 -5.99 -9.74
N GLN A 381 -16.95 -6.71 -10.59
CA GLN A 381 -18.38 -6.90 -10.48
C GLN A 381 -18.78 -7.58 -9.18
N ALA A 382 -17.84 -8.26 -8.55
CA ALA A 382 -18.11 -9.05 -7.36
C ALA A 382 -18.04 -8.19 -6.10
N PHE A 383 -17.52 -6.98 -6.23
CA PHE A 383 -17.46 -6.04 -5.13
C PHE A 383 -18.67 -5.12 -5.17
N VAL A 384 -19.56 -5.29 -4.20
CA VAL A 384 -20.87 -4.66 -4.22
C VAL A 384 -21.08 -3.85 -2.95
N PRO A 385 -22.10 -2.97 -2.93
CA PRO A 385 -22.42 -2.23 -1.70
C PRO A 385 -22.88 -3.18 -0.60
N SER A 386 -22.71 -2.78 0.65
CA SER A 386 -23.00 -3.66 1.78
C SER A 386 -24.44 -3.53 2.22
N GLU A 387 -25.18 -2.63 1.59
CA GLU A 387 -26.57 -2.43 1.92
C GLU A 387 -27.40 -2.18 0.67
N SER A 388 -28.66 -2.61 0.70
CA SER A 388 -29.53 -2.47 -0.45
C SER A 388 -29.80 -0.99 -0.71
N ASP A 389 -29.89 -0.62 -1.98
CA ASP A 389 -30.13 0.77 -2.39
C ASP A 389 -28.94 1.67 -2.09
N TRP A 390 -27.77 1.08 -1.87
CA TRP A 390 -26.53 1.84 -1.78
C TRP A 390 -25.76 1.61 -3.07
N LEU A 391 -24.81 2.50 -3.37
CA LEU A 391 -23.97 2.35 -4.56
C LEU A 391 -22.49 2.53 -4.22
N ILE A 392 -21.62 1.99 -5.07
CA ILE A 392 -20.18 2.22 -4.93
C ILE A 392 -19.82 3.54 -5.62
N PHE A 393 -19.01 4.36 -4.95
CA PHE A 393 -18.54 5.63 -5.47
C PHE A 393 -17.01 5.65 -5.41
N ALA A 394 -16.37 5.92 -6.54
CA ALA A 394 -14.90 5.98 -6.62
C ALA A 394 -14.46 7.30 -7.20
N ALA A 395 -13.47 7.92 -6.59
CA ALA A 395 -12.88 9.13 -7.13
C ALA A 395 -11.38 8.92 -7.20
N ASP A 396 -10.77 9.32 -8.31
CA ASP A 396 -9.34 9.15 -8.49
C ASP A 396 -8.66 10.42 -8.97
N TYR A 397 -7.45 10.66 -8.48
CA TYR A 397 -6.65 11.75 -8.97
C TYR A 397 -6.22 11.48 -10.40
N SER A 398 -6.23 12.51 -11.21
CA SER A 398 -5.79 12.40 -12.57
C SER A 398 -4.34 12.86 -12.63
N GLN A 399 -3.46 11.93 -12.96
CA GLN A 399 -2.03 12.23 -13.06
C GLN A 399 -1.45 13.00 -11.86
N ILE A 400 -1.76 12.60 -10.64
CA ILE A 400 -1.28 13.34 -9.47
C ILE A 400 0.26 13.37 -9.39
N GLU A 401 0.92 12.30 -9.79
CA GLU A 401 2.39 12.25 -9.71
C GLU A 401 3.06 13.24 -10.66
N LEU A 402 2.60 13.30 -11.91
CA LEU A 402 3.15 14.29 -12.85
C LEU A 402 2.83 15.72 -12.43
N ARG A 403 1.68 15.94 -11.80
CA ARG A 403 1.32 17.26 -11.29
C ARG A 403 2.24 17.67 -10.14
N VAL A 404 2.52 16.73 -9.24
CA VAL A 404 3.45 16.98 -8.15
C VAL A 404 4.83 17.31 -8.71
N LEU A 405 5.24 16.60 -9.74
CA LEU A 405 6.50 16.86 -10.39
C LEU A 405 6.55 18.26 -10.99
N ALA A 406 5.47 18.69 -11.62
CA ALA A 406 5.41 20.00 -12.20
C ALA A 406 5.59 21.03 -11.11
N HIS A 407 4.95 20.78 -9.98
CA HIS A 407 5.06 21.65 -8.82
C HIS A 407 6.48 21.73 -8.22
N ILE A 408 7.06 20.58 -7.89
CA ILE A 408 8.36 20.59 -7.22
C ILE A 408 9.50 21.04 -8.14
N ALA A 409 9.40 20.72 -9.43
CA ALA A 409 10.42 21.09 -10.40
C ALA A 409 10.22 22.51 -10.91
N GLU A 410 8.98 23.01 -10.82
CA GLU A 410 8.62 24.31 -11.36
C GLU A 410 9.03 24.38 -12.83
N ASP A 411 8.80 23.29 -13.54
CA ASP A 411 9.04 23.27 -14.97
C ASP A 411 7.92 24.05 -15.67
N ASP A 412 8.30 25.12 -16.37
CA ASP A 412 7.35 26.03 -17.00
C ASP A 412 6.43 25.33 -17.99
N ASN A 413 7.03 24.48 -18.82
CA ASN A 413 6.30 23.75 -19.84
C ASN A 413 5.32 22.75 -19.22
N LEU A 414 5.79 22.00 -18.22
CA LEU A 414 4.96 21.00 -17.57
C LEU A 414 3.81 21.66 -16.79
N MET A 415 4.10 22.79 -16.13
CA MET A 415 3.05 23.52 -15.38
C MET A 415 2.00 24.11 -16.32
N GLU A 416 2.45 24.67 -17.44
CA GLU A 416 1.53 25.23 -18.42
C GLU A 416 0.62 24.13 -18.94
N ALA A 417 1.20 22.99 -19.26
CA ALA A 417 0.43 21.86 -19.77
C ALA A 417 -0.69 21.47 -18.80
N PHE A 418 -0.38 21.35 -17.51
CA PHE A 418 -1.43 21.02 -16.54
C PHE A 418 -2.42 22.16 -16.29
N ARG A 419 -1.97 23.39 -16.43
CA ARG A 419 -2.83 24.55 -16.24
C ARG A 419 -3.85 24.64 -17.36
N ARG A 420 -3.49 24.15 -18.55
CA ARG A 420 -4.42 24.01 -19.66
C ARG A 420 -5.17 22.68 -19.62
N ASP A 421 -4.90 21.86 -18.61
CA ASP A 421 -5.50 20.53 -18.51
C ASP A 421 -5.36 19.71 -19.81
N LEU A 422 -4.17 19.76 -20.42
CA LEU A 422 -3.91 19.03 -21.66
C LEU A 422 -3.80 17.54 -21.39
N ASP A 423 -3.97 16.74 -22.42
CA ASP A 423 -3.59 15.34 -22.36
C ASP A 423 -2.05 15.29 -22.26
N ILE A 424 -1.55 14.89 -21.09
CA ILE A 424 -0.12 15.02 -20.82
C ILE A 424 0.73 14.11 -21.71
N HIS A 425 0.21 12.95 -22.07
CA HIS A 425 0.96 12.02 -22.90
C HIS A 425 1.04 12.51 -24.34
N THR A 426 -0.07 13.00 -24.87
CA THR A 426 -0.11 13.57 -26.21
C THR A 426 0.83 14.78 -26.30
N LYS A 427 0.72 15.67 -25.32
CA LYS A 427 1.59 16.85 -25.26
C LYS A 427 3.08 16.48 -25.15
N THR A 428 3.39 15.45 -24.35
CA THR A 428 4.76 14.99 -24.23
C THR A 428 5.27 14.43 -25.57
N ALA A 429 4.40 13.71 -26.28
CA ALA A 429 4.74 13.22 -27.61
C ALA A 429 4.98 14.39 -28.59
N MET A 430 4.12 15.41 -28.52
CA MET A 430 4.27 16.59 -29.36
C MET A 430 5.64 17.22 -29.18
N ASP A 431 6.07 17.33 -27.93
CA ASP A 431 7.34 17.97 -27.58
C ASP A 431 8.56 17.15 -27.97
N ILE A 432 8.54 15.86 -27.66
CA ILE A 432 9.72 15.05 -27.93
CA ILE A 432 9.66 14.98 -27.93
C ILE A 432 9.88 14.78 -29.42
N PHE A 433 8.78 14.69 -30.16
CA PHE A 433 8.87 14.43 -31.60
C PHE A 433 8.81 15.69 -32.44
N GLN A 434 8.63 16.82 -31.77
CA GLN A 434 8.54 18.11 -32.42
C GLN A 434 7.47 18.13 -33.50
N VAL A 435 6.29 17.67 -33.12
CA VAL A 435 5.16 17.60 -34.04
C VAL A 435 3.88 18.21 -33.47
N SER A 436 2.96 18.59 -34.34
CA SER A 436 1.66 19.11 -33.96
C SER A 436 0.74 18.02 -33.46
N GLU A 437 -0.31 18.40 -32.75
CA GLU A 437 -1.21 17.43 -32.14
C GLU A 437 -1.76 16.38 -33.11
N ASP A 438 -2.11 16.81 -34.32
CA ASP A 438 -2.68 15.89 -35.29
C ASP A 438 -1.62 15.02 -35.97
N GLU A 439 -0.34 15.30 -35.71
CA GLU A 439 0.74 14.46 -36.21
C GLU A 439 1.13 13.38 -35.20
N VAL A 440 0.50 13.36 -34.04
CA VAL A 440 0.81 12.35 -33.04
C VAL A 440 0.10 11.04 -33.36
N THR A 441 0.88 10.03 -33.71
CA THR A 441 0.33 8.72 -34.01
C THR A 441 0.13 7.94 -32.71
N PRO A 442 -0.70 6.88 -32.74
CA PRO A 442 -0.86 6.10 -31.51
C PRO A 442 0.45 5.55 -30.96
N ASN A 443 1.38 5.12 -31.83
CA ASN A 443 2.66 4.62 -31.31
C ASN A 443 3.49 5.73 -30.67
N MET A 444 3.47 6.92 -31.26
CA MET A 444 4.17 8.05 -30.66
C MET A 444 3.66 8.32 -29.24
N ARG A 445 2.35 8.37 -29.07
CA ARG A 445 1.77 8.62 -27.75
C ARG A 445 2.11 7.52 -26.76
N ARG A 446 2.08 6.28 -27.21
CA ARG A 446 2.40 5.15 -26.35
CA ARG A 446 2.41 5.13 -26.38
C ARG A 446 3.82 5.25 -25.81
N GLN A 447 4.74 5.70 -26.65
CA GLN A 447 6.13 5.82 -26.24
C GLN A 447 6.34 7.02 -25.32
N ALA A 448 5.66 8.12 -25.61
CA ALA A 448 5.69 9.26 -24.71
C ALA A 448 5.12 8.87 -23.34
N LYS A 449 4.12 8.01 -23.35
CA LYS A 449 3.49 7.56 -22.12
C LYS A 449 4.47 6.74 -21.30
N ALA A 450 5.24 5.87 -21.97
CA ALA A 450 6.23 5.05 -21.29
C ALA A 450 7.36 5.91 -20.70
N VAL A 451 7.68 7.01 -21.38
CA VAL A 451 8.68 7.93 -20.86
C VAL A 451 8.16 8.56 -19.57
N ASN A 452 6.91 9.02 -19.59
CA ASN A 452 6.30 9.60 -18.40
C ASN A 452 6.24 8.62 -17.24
N PHE A 453 5.84 7.38 -17.54
CA PHE A 453 5.79 6.33 -16.53
C PHE A 453 7.18 6.11 -15.94
N GLY A 454 8.19 6.13 -16.81
CA GLY A 454 9.58 6.05 -16.38
C GLY A 454 10.00 7.21 -15.49
N ILE A 455 9.54 8.41 -15.81
CA ILE A 455 9.84 9.58 -15.00
C ILE A 455 9.12 9.45 -13.65
N VAL A 456 7.89 8.97 -13.68
CA VAL A 456 7.07 8.86 -12.48
C VAL A 456 7.56 7.77 -11.51
N TYR A 457 7.98 6.62 -12.02
CA TYR A 457 8.43 5.52 -11.16
C TYR A 457 9.94 5.42 -11.01
N GLY A 458 10.66 6.27 -11.72
CA GLY A 458 12.12 6.28 -11.64
C GLY A 458 12.75 4.97 -12.08
N ILE A 459 12.32 4.44 -13.23
CA ILE A 459 12.95 3.24 -13.80
C ILE A 459 14.22 3.65 -14.54
N SER A 460 15.13 2.70 -14.73
CA SER A 460 16.39 2.98 -15.43
C SER A 460 16.16 3.21 -16.93
N ASP A 461 17.15 3.78 -17.61
CA ASP A 461 17.08 3.93 -19.06
C ASP A 461 17.14 2.55 -19.72
N TYR A 462 17.74 1.61 -19.01
CA TYR A 462 17.71 0.20 -19.38
C TYR A 462 16.29 -0.31 -19.19
N GLY A 463 15.61 0.23 -18.19
CA GLY A 463 14.23 -0.13 -17.90
C GLY A 463 13.28 0.43 -18.94
N LEU A 464 13.58 1.62 -19.45
CA LEU A 464 12.76 2.23 -20.50
C LEU A 464 12.91 1.42 -21.78
N ALA A 465 14.16 1.07 -22.08
CA ALA A 465 14.50 0.24 -23.24
C ALA A 465 13.76 -1.09 -23.22
N GLN A 466 13.75 -1.74 -22.06
CA GLN A 466 13.06 -3.00 -21.88
C GLN A 466 11.57 -2.82 -22.13
N ASN A 467 11.01 -1.77 -21.53
CA ASN A 467 9.59 -1.48 -21.62
C ASN A 467 9.13 -1.17 -23.05
N LEU A 468 9.94 -0.42 -23.79
CA LEU A 468 9.57 -0.01 -25.14
C LEU A 468 10.13 -0.96 -26.20
N ASN A 469 10.80 -2.02 -25.74
CA ASN A 469 11.43 -2.99 -26.62
C ASN A 469 12.36 -2.32 -27.65
N ILE A 470 13.21 -1.44 -27.15
CA ILE A 470 14.19 -0.73 -27.97
C ILE A 470 15.58 -0.82 -27.34
N SER A 471 16.58 -0.22 -27.98
CA SER A 471 17.94 -0.23 -27.44
C SER A 471 18.17 0.90 -26.44
N ARG A 472 19.19 0.74 -25.60
CA ARG A 472 19.52 1.74 -24.59
C ARG A 472 19.91 3.08 -25.22
N LYS A 473 20.61 3.02 -26.34
CA LYS A 473 21.02 4.24 -27.04
C LYS A 473 19.79 5.03 -27.48
N GLU A 474 18.78 4.32 -27.99
CA GLU A 474 17.56 4.96 -28.42
C GLU A 474 16.79 5.48 -27.22
N ALA A 475 16.69 4.65 -26.18
CA ALA A 475 16.05 5.04 -24.94
C ALA A 475 16.69 6.32 -24.38
N ALA A 476 18.02 6.35 -24.38
CA ALA A 476 18.78 7.49 -23.89
C ALA A 476 18.49 8.74 -24.71
N GLU A 477 18.25 8.56 -26.01
CA GLU A 477 17.87 9.67 -26.88
C GLU A 477 16.49 10.21 -26.49
N PHE A 478 15.58 9.32 -26.13
CA PHE A 478 14.24 9.72 -25.71
C PHE A 478 14.35 10.61 -24.49
N ILE A 479 15.00 10.08 -23.46
CA ILE A 479 15.20 10.78 -22.20
C ILE A 479 15.85 12.14 -22.43
N GLU A 480 16.81 12.18 -23.34
CA GLU A 480 17.50 13.42 -23.70
C GLU A 480 16.57 14.42 -24.36
N ARG A 481 15.68 13.93 -25.23
CA ARG A 481 14.71 14.80 -25.88
C ARG A 481 13.71 15.32 -24.85
N TYR A 482 13.37 14.47 -23.89
CA TYR A 482 12.46 14.86 -22.83
C TYR A 482 13.02 16.04 -22.02
N PHE A 483 14.28 15.92 -21.61
CA PHE A 483 14.91 16.97 -20.82
C PHE A 483 15.06 18.28 -21.58
N GLU A 484 15.14 18.19 -22.91
CA GLU A 484 15.19 19.40 -23.75
C GLU A 484 13.84 20.13 -23.71
N SER A 485 12.76 19.36 -23.67
CA SER A 485 11.42 19.93 -23.63
C SER A 485 11.02 20.29 -22.22
N PHE A 486 11.61 19.61 -21.25
CA PHE A 486 11.33 19.88 -19.84
C PHE A 486 12.60 20.13 -19.04
N PRO A 487 13.29 21.26 -19.32
CA PRO A 487 14.57 21.53 -18.65
C PRO A 487 14.46 21.71 -17.13
N GLY A 488 13.30 22.10 -16.63
CA GLY A 488 13.10 22.25 -15.20
C GLY A 488 13.08 20.89 -14.49
N VAL A 489 12.51 19.90 -15.16
CA VAL A 489 12.54 18.53 -14.63
C VAL A 489 13.97 17.98 -14.59
N LYS A 490 14.74 18.24 -15.64
CA LYS A 490 16.15 17.85 -15.65
C LYS A 490 16.90 18.53 -14.51
N ARG A 491 16.67 19.83 -14.36
CA ARG A 491 17.20 20.62 -13.25
C ARG A 491 16.86 19.98 -11.91
N TYR A 492 15.58 19.59 -11.76
CA TYR A 492 15.13 18.94 -10.54
C TYR A 492 15.84 17.60 -10.30
N MET A 493 15.97 16.78 -11.35
CA MET A 493 16.64 15.50 -11.21
C MET A 493 18.07 15.69 -10.70
N GLU A 494 18.80 16.58 -11.36
CA GLU A 494 20.15 16.94 -10.95
C GLU A 494 20.23 17.45 -9.51
N ASN A 495 19.36 18.41 -9.18
CA ASN A 495 19.41 19.05 -7.86
C ASN A 495 19.08 18.11 -6.72
N ILE A 496 18.06 17.28 -6.91
CA ILE A 496 17.64 16.36 -5.86
C ILE A 496 18.69 15.28 -5.59
N VAL A 497 19.41 14.86 -6.62
CA VAL A 497 20.47 13.86 -6.46
C VAL A 497 21.59 14.45 -5.63
N GLN A 498 21.96 15.69 -5.95
CA GLN A 498 22.96 16.43 -5.19
C GLN A 498 22.52 16.62 -3.73
N GLU A 499 21.25 16.97 -3.54
CA GLU A 499 20.72 17.17 -2.19
C GLU A 499 20.76 15.86 -1.39
N ALA A 500 20.46 14.75 -2.06
CA ALA A 500 20.49 13.45 -1.42
C ALA A 500 21.91 13.10 -1.00
N LYS A 501 22.89 13.47 -1.83
CA LYS A 501 24.29 13.26 -1.49
C LYS A 501 24.70 14.09 -0.28
N GLN A 502 24.36 15.37 -0.30
CA GLN A 502 24.76 16.31 0.75
C GLN A 502 24.08 16.02 2.08
N LYS A 503 22.77 15.79 2.05
CA LYS A 503 22.00 15.62 3.28
C LYS A 503 21.93 14.17 3.75
N GLY A 504 22.06 13.24 2.81
CA GLY A 504 21.97 11.82 3.13
C GLY A 504 20.55 11.26 2.99
N TYR A 505 19.61 12.12 2.60
CA TYR A 505 18.22 11.71 2.46
C TYR A 505 17.43 12.69 1.59
N VAL A 506 16.25 12.27 1.13
CA VAL A 506 15.31 13.17 0.45
C VAL A 506 14.00 13.20 1.22
N THR A 507 13.21 14.24 0.98
CA THR A 507 11.95 14.39 1.68
C THR A 507 10.79 14.70 0.74
N THR A 508 9.58 14.51 1.24
CA THR A 508 8.36 14.81 0.51
C THR A 508 7.74 16.11 0.99
N LEU A 509 6.69 16.54 0.30
CA LEU A 509 5.94 17.74 0.65
C LEU A 509 5.63 17.88 2.14
N LEU A 510 5.16 16.81 2.75
CA LEU A 510 4.77 16.85 4.15
C LEU A 510 5.85 16.26 5.08
N HIS A 511 7.11 16.28 4.60
CA HIS A 511 8.30 16.02 5.43
C HIS A 511 8.59 14.54 5.72
N ARG A 512 7.99 13.65 4.94
CA ARG A 512 8.36 12.24 4.99
C ARG A 512 9.79 12.15 4.48
N ARG A 513 10.55 11.17 4.97
CA ARG A 513 11.98 11.14 4.76
C ARG A 513 12.40 9.78 4.22
N ARG A 514 13.41 9.78 3.35
CA ARG A 514 14.00 8.52 2.92
C ARG A 514 15.51 8.66 2.83
N TYR A 515 16.24 7.87 3.63
CA TYR A 515 17.70 7.90 3.61
C TYR A 515 18.22 7.09 2.42
N LEU A 516 19.28 7.60 1.78
CA LEU A 516 19.83 6.94 0.61
C LEU A 516 21.34 6.82 0.71
N PRO A 517 21.82 5.95 1.63
CA PRO A 517 23.26 5.79 1.86
C PRO A 517 23.99 5.24 0.64
N ASP A 518 23.27 4.59 -0.26
CA ASP A 518 23.89 4.01 -1.46
C ASP A 518 24.17 5.09 -2.52
N ILE A 519 23.76 6.32 -2.26
CA ILE A 519 23.98 7.40 -3.22
C ILE A 519 25.48 7.67 -3.48
N THR A 520 26.34 7.23 -2.57
CA THR A 520 27.78 7.45 -2.68
C THR A 520 28.53 6.20 -3.16
N SER A 521 27.81 5.11 -3.37
CA SER A 521 28.41 3.83 -3.75
C SER A 521 29.27 3.91 -5.02
N ARG A 522 30.34 3.12 -5.07
CA ARG A 522 31.18 3.08 -6.27
C ARG A 522 30.75 2.01 -7.26
N ASN A 523 29.76 1.21 -6.86
CA ASN A 523 29.10 0.28 -7.76
C ASN A 523 28.04 1.05 -8.55
N PHE A 524 28.15 1.03 -9.88
CA PHE A 524 27.29 1.83 -10.74
C PHE A 524 25.80 1.53 -10.57
N ASN A 525 25.46 0.24 -10.57
CA ASN A 525 24.06 -0.17 -10.46
C ASN A 525 23.47 0.18 -9.10
N VAL A 526 24.27 0.00 -8.06
CA VAL A 526 23.84 0.34 -6.70
C VAL A 526 23.63 1.85 -6.56
N ARG A 527 24.61 2.62 -7.02
CA ARG A 527 24.50 4.08 -7.00
C ARG A 527 23.33 4.60 -7.85
N SER A 528 23.18 4.08 -9.06
CA SER A 528 22.13 4.54 -9.97
C SER A 528 20.75 4.33 -9.40
N PHE A 529 20.52 3.19 -8.75
CA PHE A 529 19.21 2.91 -8.16
C PHE A 529 18.89 3.92 -7.07
N ALA A 530 19.91 4.28 -6.30
CA ALA A 530 19.78 5.28 -5.25
C ALA A 530 19.45 6.64 -5.83
N GLU A 531 20.07 6.97 -6.95
CA GLU A 531 19.79 8.24 -7.61
C GLU A 531 18.35 8.29 -8.11
N ARG A 532 17.88 7.19 -8.66
CA ARG A 532 16.51 7.10 -9.13
C ARG A 532 15.55 7.24 -7.97
N MET A 533 15.90 6.65 -6.84
CA MET A 533 15.07 6.77 -5.64
C MET A 533 15.06 8.20 -5.11
N ALA A 534 16.17 8.89 -5.27
CA ALA A 534 16.25 10.30 -4.91
C ALA A 534 15.27 11.10 -5.77
N MET A 535 15.19 10.75 -7.06
CA MET A 535 14.30 11.45 -7.99
C MET A 535 12.83 11.12 -7.73
N ASN A 536 12.56 9.83 -7.59
CA ASN A 536 11.21 9.28 -7.49
C ASN A 536 10.48 9.52 -6.16
N THR A 537 11.22 9.41 -5.06
CA THR A 537 10.60 9.45 -3.73
C THR A 537 9.78 10.73 -3.42
N PRO A 538 10.36 11.91 -3.68
CA PRO A 538 9.57 13.14 -3.44
C PRO A 538 8.34 13.23 -4.34
N ILE A 539 8.36 12.52 -5.47
CA ILE A 539 7.19 12.48 -6.36
C ILE A 539 6.13 11.52 -5.79
N GLN A 540 6.45 10.23 -5.75
CA GLN A 540 5.52 9.21 -5.24
C GLN A 540 5.13 9.44 -3.78
N GLY A 541 6.12 9.82 -2.96
CA GLY A 541 5.90 10.10 -1.56
C GLY A 541 5.00 11.28 -1.29
N SER A 542 5.18 12.36 -2.04
CA SER A 542 4.32 13.54 -1.88
C SER A 542 2.91 13.26 -2.34
N ALA A 543 2.76 12.43 -3.38
CA ALA A 543 1.45 12.00 -3.82
C ALA A 543 0.78 11.16 -2.71
N ALA A 544 1.57 10.32 -2.05
CA ALA A 544 1.08 9.55 -0.92
C ALA A 544 0.61 10.48 0.19
N ASP A 545 1.44 11.47 0.52
CA ASP A 545 1.10 12.47 1.54
C ASP A 545 -0.25 13.12 1.26
N ILE A 546 -0.45 13.52 0.00
CA ILE A 546 -1.65 14.24 -0.39
C ILE A 546 -2.93 13.42 -0.28
N ILE A 547 -2.89 12.19 -0.75
CA ILE A 547 -4.05 11.32 -0.65
C ILE A 547 -4.38 10.99 0.80
N LYS A 548 -3.36 10.79 1.62
CA LYS A 548 -3.55 10.58 3.04
C LYS A 548 -4.21 11.78 3.70
N LYS A 549 -3.79 12.99 3.35
CA LYS A 549 -4.45 14.18 3.88
C LYS A 549 -5.89 14.29 3.38
N ALA A 550 -6.11 13.91 2.12
CA ALA A 550 -7.45 13.97 1.55
C ALA A 550 -8.36 13.01 2.30
N MET A 551 -7.84 11.84 2.65
CA MET A 551 -8.62 10.87 3.43
C MET A 551 -9.06 11.46 4.78
N ILE A 552 -8.16 12.18 5.41
CA ILE A 552 -8.45 12.79 6.69
C ILE A 552 -9.46 13.90 6.52
N ASP A 553 -9.25 14.74 5.50
CA ASP A 553 -10.17 15.84 5.23
C ASP A 553 -11.57 15.33 4.89
N LEU A 554 -11.62 14.24 4.13
CA LEU A 554 -12.90 13.69 3.69
C LEU A 554 -13.71 13.12 4.85
N ASN A 555 -13.04 12.34 5.69
CA ASN A 555 -13.67 11.76 6.88
C ASN A 555 -14.30 12.83 7.76
N ALA A 556 -13.60 13.94 7.94
CA ALA A 556 -14.15 15.06 8.70
C ALA A 556 -15.33 15.71 7.97
N ARG A 557 -15.24 15.86 6.65
CA ARG A 557 -16.32 16.49 5.90
C ARG A 557 -17.58 15.63 5.88
N LEU A 558 -17.40 14.33 5.70
CA LEU A 558 -18.52 13.41 5.71
C LEU A 558 -19.30 13.55 7.00
N LYS A 559 -18.59 13.59 8.12
CA LYS A 559 -19.23 13.76 9.42
C LYS A 559 -19.96 15.10 9.53
N GLU A 560 -19.30 16.17 9.10
CA GLU A 560 -19.89 17.50 9.16
C GLU A 560 -21.18 17.55 8.37
N GLU A 561 -21.17 16.93 7.19
CA GLU A 561 -22.31 16.95 6.30
C GLU A 561 -23.38 15.94 6.70
N ARG A 562 -23.08 15.17 7.76
CA ARG A 562 -23.99 14.15 8.27
C ARG A 562 -24.36 13.11 7.22
N LEU A 563 -23.44 12.82 6.31
CA LEU A 563 -23.66 11.80 5.30
C LEU A 563 -23.45 10.42 5.89
N GLN A 564 -24.13 9.41 5.33
CA GLN A 564 -23.91 8.03 5.73
C GLN A 564 -22.82 7.37 4.90
N ALA A 565 -22.32 8.08 3.89
CA ALA A 565 -21.28 7.56 3.01
C ALA A 565 -20.10 7.10 3.84
N ARG A 566 -19.49 5.98 3.47
CA ARG A 566 -18.28 5.58 4.17
C ARG A 566 -17.13 5.17 3.25
N LEU A 567 -15.93 5.59 3.65
CA LEU A 567 -14.70 5.16 3.01
C LEU A 567 -14.52 3.67 3.15
N LEU A 568 -14.25 3.00 2.03
CA LEU A 568 -13.98 1.57 2.04
C LEU A 568 -12.53 1.24 1.73
N LEU A 569 -12.00 1.85 0.67
CA LEU A 569 -10.68 1.50 0.17
C LEU A 569 -9.89 2.71 -0.32
N GLN A 570 -8.58 2.61 -0.23
CA GLN A 570 -7.70 3.52 -0.91
C GLN A 570 -6.85 2.66 -1.82
N VAL A 571 -6.73 3.04 -3.09
CA VAL A 571 -5.86 2.34 -4.03
C VAL A 571 -4.88 3.34 -4.64
N HIS A 572 -3.95 3.78 -3.81
CA HIS A 572 -2.83 4.63 -4.19
C HIS A 572 -3.18 6.05 -4.64
N ASP A 573 -4.01 6.17 -5.68
CA ASP A 573 -4.44 7.50 -6.11
C ASP A 573 -5.96 7.61 -6.20
N GLU A 574 -6.67 6.61 -5.69
CA GLU A 574 -8.12 6.66 -5.71
C GLU A 574 -8.75 6.26 -4.37
N LEU A 575 -9.87 6.90 -4.05
CA LEU A 575 -10.65 6.54 -2.88
C LEU A 575 -11.96 5.89 -3.32
N ILE A 576 -12.33 4.80 -2.65
CA ILE A 576 -13.58 4.12 -2.95
C ILE A 576 -14.51 4.14 -1.74
N LEU A 577 -15.75 4.57 -1.97
CA LEU A 577 -16.75 4.66 -0.93
C LEU A 577 -17.99 3.87 -1.33
N GLU A 578 -18.88 3.65 -0.37
CA GLU A 578 -20.23 3.20 -0.64
C GLU A 578 -21.15 4.16 0.12
N ALA A 579 -22.34 4.39 -0.43
CA ALA A 579 -23.27 5.37 0.14
C ALA A 579 -24.67 5.09 -0.39
N PRO A 580 -25.71 5.56 0.34
CA PRO A 580 -27.08 5.46 -0.18
C PRO A 580 -27.17 6.13 -1.54
N LYS A 581 -27.98 5.60 -2.45
CA LYS A 581 -28.11 6.20 -3.78
C LYS A 581 -28.51 7.67 -3.68
N GLU A 582 -29.25 8.04 -2.63
CA GLU A 582 -29.69 9.42 -2.43
C GLU A 582 -28.55 10.38 -2.12
N GLU A 583 -27.35 9.84 -1.91
CA GLU A 583 -26.21 10.69 -1.58
C GLU A 583 -25.26 10.90 -2.76
N MET A 584 -25.53 10.23 -3.88
CA MET A 584 -24.62 10.28 -5.02
C MET A 584 -24.37 11.69 -5.54
N GLU A 585 -25.44 12.47 -5.70
CA GLU A 585 -25.29 13.81 -6.26
C GLU A 585 -24.45 14.73 -5.38
N ARG A 586 -24.70 14.68 -4.07
CA ARG A 586 -23.86 15.42 -3.14
C ARG A 586 -22.40 14.97 -3.15
N LEU A 587 -22.18 13.65 -3.22
CA LEU A 587 -20.82 13.11 -3.22
C LEU A 587 -20.06 13.50 -4.47
N CYS A 588 -20.79 13.61 -5.58
CA CYS A 588 -20.22 14.04 -6.85
C CYS A 588 -19.58 15.43 -6.75
N ARG A 589 -20.14 16.28 -5.89
CA ARG A 589 -19.57 17.60 -5.67
C ARG A 589 -18.56 17.59 -4.54
N LEU A 590 -18.87 16.85 -3.49
CA LEU A 590 -18.11 16.90 -2.24
C LEU A 590 -16.73 16.22 -2.33
N VAL A 591 -16.71 14.96 -2.75
CA VAL A 591 -15.48 14.17 -2.77
C VAL A 591 -14.36 14.75 -3.64
N PRO A 592 -14.65 15.09 -4.92
CA PRO A 592 -13.56 15.68 -5.72
C PRO A 592 -13.07 17.01 -5.14
N GLU A 593 -13.97 17.82 -4.60
CA GLU A 593 -13.56 19.09 -4.00
C GLU A 593 -12.61 18.89 -2.80
N VAL A 594 -12.93 17.95 -1.93
CA VAL A 594 -12.09 17.68 -0.77
C VAL A 594 -10.73 17.18 -1.23
N MET A 595 -10.73 16.28 -2.21
CA MET A 595 -9.48 15.72 -2.75
C MET A 595 -8.64 16.77 -3.47
N GLU A 596 -9.30 17.62 -4.26
CA GLU A 596 -8.60 18.63 -5.04
C GLU A 596 -8.00 19.71 -4.15
N GLN A 597 -8.63 19.95 -3.01
CA GLN A 597 -8.21 21.04 -2.13
C GLN A 597 -7.34 20.57 -0.96
N ALA A 598 -6.99 19.29 -0.95
CA ALA A 598 -6.20 18.73 0.15
C ALA A 598 -4.89 19.50 0.37
N VAL A 599 -4.20 19.84 -0.72
CA VAL A 599 -3.07 20.76 -0.66
C VAL A 599 -3.19 21.76 -1.80
N THR A 600 -2.42 22.83 -1.73
CA THR A 600 -2.38 23.80 -2.81
C THR A 600 -1.04 23.78 -3.50
N LEU A 601 -1.02 23.38 -4.76
CA LEU A 601 0.20 23.30 -5.55
C LEU A 601 0.23 24.39 -6.61
N ARG A 602 1.33 24.49 -7.34
CA ARG A 602 1.46 25.49 -8.40
C ARG A 602 0.64 25.13 -9.64
N VAL A 603 0.08 23.92 -9.65
CA VAL A 603 -0.83 23.53 -10.71
C VAL A 603 -2.07 22.94 -10.04
N PRO A 604 -3.23 23.00 -10.74
CA PRO A 604 -4.43 22.41 -10.15
C PRO A 604 -4.28 20.92 -9.90
N LEU A 605 -5.02 20.41 -8.92
CA LEU A 605 -5.22 18.97 -8.79
C LEU A 605 -6.55 18.64 -9.44
N LYS A 606 -6.61 17.51 -10.15
CA LYS A 606 -7.82 17.14 -10.85
C LYS A 606 -8.27 15.76 -10.42
N VAL A 607 -9.56 15.63 -10.11
CA VAL A 607 -10.11 14.37 -9.62
C VAL A 607 -11.30 13.95 -10.48
N ASP A 608 -11.26 12.73 -10.99
CA ASP A 608 -12.38 12.20 -11.75
C ASP A 608 -13.16 11.27 -10.85
N TYR A 609 -14.43 11.06 -11.16
CA TYR A 609 -15.28 10.27 -10.28
C TYR A 609 -16.37 9.53 -11.04
N HIS A 610 -16.78 8.40 -10.50
CA HIS A 610 -17.84 7.57 -11.08
C HIS A 610 -18.52 6.83 -9.95
N TYR A 611 -19.74 6.34 -10.21
CA TYR A 611 -20.43 5.50 -9.26
C TYR A 611 -21.32 4.52 -10.00
N GLY A 612 -21.70 3.45 -9.32
CA GLY A 612 -22.56 2.45 -9.93
C GLY A 612 -22.85 1.31 -8.98
N SER A 613 -23.53 0.29 -9.47
CA SER A 613 -24.03 -0.75 -8.58
C SER A 613 -22.95 -1.73 -8.11
N THR A 614 -21.80 -1.74 -8.80
CA THR A 614 -20.63 -2.52 -8.39
C THR A 614 -19.38 -1.70 -8.65
N TRP A 615 -18.24 -2.14 -8.10
CA TRP A 615 -16.96 -1.48 -8.32
C TRP A 615 -16.64 -1.43 -9.82
N TYR A 616 -16.95 -2.52 -10.52
CA TYR A 616 -16.80 -2.56 -11.97
C TYR A 616 -17.53 -1.39 -12.64
N ASP A 617 -18.73 -1.10 -12.19
CA ASP A 617 -19.57 -0.09 -12.85
C ASP A 617 -19.17 1.32 -12.46
N ALA A 618 -18.44 1.48 -11.36
CA ALA A 618 -17.95 2.79 -10.96
C ALA A 618 -16.76 3.16 -11.83
N LYS A 619 -16.99 3.19 -13.14
CA LYS A 619 -15.94 3.44 -14.13
C LYS A 619 -16.38 4.51 -15.10
P FAX C 4 8.07 -1.36 -1.11
N1 FAX C 4 3.19 -6.34 -7.49
C2 FAX C 4 2.46 -5.79 -6.53
N3 FAX C 4 3.03 -5.33 -5.41
C4 FAX C 4 4.35 -5.44 -5.23
C5 FAX C 4 5.14 -5.98 -6.21
C6 FAX C 4 4.52 -6.43 -7.35
N6 FAX C 4 5.23 -6.98 -8.34
N7 FAX C 4 6.46 -6.05 -6.02
C8 FAX C 4 7.27 -6.80 -6.80
O8 FAX C 4 8.48 -6.91 -6.68
N9 FAX C 4 4.91 -4.94 -4.13
C1' FAX C 4 4.07 -4.54 -3.04
C2' FAX C 4 4.10 -5.60 -1.98
C3' FAX C 4 4.50 -4.88 -0.73
O3' FAX C 4 3.46 -4.94 0.20
C4' FAX C 4 4.82 -3.45 -1.09
C5' FAX C 4 6.29 -3.20 -0.79
O5' FAX C 4 6.61 -1.83 -0.76
C6' FAX C 4 4.54 -3.33 -2.48
OP1 FAX C 4 8.16 0.11 -1.21
OP2 FAX C 4 8.95 -2.07 -0.20
C1 GLC D . 2.14 -7.74 10.60
C2 GLC D . 2.87 -8.94 10.02
C3 GLC D . 2.86 -8.75 8.54
C4 GLC D . 1.41 -8.79 8.12
C5 GLC D . 0.64 -7.65 8.74
C6 GLC D . -0.82 -7.76 8.36
O2 GLC D . 4.19 -8.97 10.54
O3 GLC D . 3.55 -9.81 7.88
O4 GLC D . 1.35 -8.70 6.72
O5 GLC D . 0.79 -7.69 10.15
O6 GLC D . -1.45 -8.84 9.04
C1 FRU D . 4.09 -6.24 12.17
C2 FRU D . 3.07 -5.70 11.19
C3 FRU D . 3.48 -4.39 10.57
C4 FRU D . 2.17 -3.80 10.13
C5 FRU D . 1.30 -4.23 11.29
C6 FRU D . -0.10 -4.59 10.92
O1 FRU D . 4.16 -5.32 13.25
O2 FRU D . 2.83 -6.60 10.15
O3 FRU D . 4.37 -4.56 9.49
O4 FRU D . 2.29 -2.39 10.01
O5 FRU D . 1.86 -5.41 11.84
O6 FRU D . -0.59 -5.07 12.13
S SO4 E . -4.26 7.18 -20.84
O1 SO4 E . -3.16 6.66 -21.64
O2 SO4 E . -4.15 8.63 -20.72
O3 SO4 E . -4.21 6.60 -19.51
O4 SO4 E . -5.52 6.83 -21.50
S SO4 F . 1.61 26.34 -27.58
O1 SO4 F . 2.94 26.35 -28.18
O2 SO4 F . 1.28 27.68 -27.12
O3 SO4 F . 1.64 25.44 -26.43
O4 SO4 F . 0.62 25.84 -28.54
S SO4 G . 36.65 2.86 -2.48
O1 SO4 G . 37.56 1.78 -2.85
O2 SO4 G . 37.39 4.11 -2.39
O3 SO4 G . 36.04 2.58 -1.18
O4 SO4 G . 35.60 2.98 -3.49
S SO4 H . -5.38 9.51 -15.48
O1 SO4 H . -4.52 9.52 -14.30
O2 SO4 H . -6.15 10.75 -15.56
O3 SO4 H . -6.30 8.37 -15.41
O4 SO4 H . -4.56 9.39 -16.69
S SO4 I . 2.65 -9.24 17.05
O1 SO4 I . 1.39 -8.49 16.96
O2 SO4 I . 3.76 -8.33 16.82
O3 SO4 I . 2.65 -10.30 16.03
O4 SO4 I . 2.77 -9.82 18.38
MG MG J . -5.91 7.67 -12.06
#